data_6V2S
#
_entry.id   6V2S
#
_cell.length_a   38.697
_cell.length_b   51.043
_cell.length_c   73.781
_cell.angle_alpha   90.000
_cell.angle_beta   90.000
_cell.angle_gamma   90.000
#
_symmetry.space_group_name_H-M   'P 21 21 21'
#
loop_
_entity.id
_entity.type
_entity.pdbx_description
1 polymer 'M-phase phosphoprotein 8'
2 polymer UNC3866
3 non-polymer 'UNKNOWN ATOM OR ION'
4 water water
#
loop_
_entity_poly.entity_id
_entity_poly.type
_entity_poly.pdbx_seq_one_letter_code
_entity_poly.pdbx_strand_id
1 'polypeptide(L)' GEDVFEVEKILDMKTEGGKVLYKVRWKGYTSDDDTWEPEIHLEDCKEVLLEFRKKIAENKAK A,B
2 'polypeptide(L)' (5R0)FAL(ELY)(5R5) C,D
#
loop_
_chem_comp.id
_chem_comp.type
_chem_comp.name
_chem_comp.formula
5R0 non-polymer '4-~{tert}-butylbenzoic acid' 'C11 H14 O2'
UNX non-polymer 'UNKNOWN ATOM OR ION' ?
#
# COMPACT_ATOMS: atom_id res chain seq x y z
N GLU A 2 1.59 -9.36 22.40
CA GLU A 2 2.34 -10.36 21.66
C GLU A 2 1.66 -10.64 20.33
N ASP A 3 0.34 -10.73 20.37
CA ASP A 3 -0.47 -11.12 19.22
C ASP A 3 -1.27 -9.95 18.67
N VAL A 4 -0.84 -8.71 18.94
CA VAL A 4 -1.48 -7.50 18.44
C VAL A 4 -0.47 -6.79 17.54
N PHE A 5 -0.94 -6.31 16.38
CA PHE A 5 -0.05 -5.73 15.39
C PHE A 5 -0.63 -4.45 14.81
N GLU A 6 0.21 -3.65 14.17
CA GLU A 6 -0.19 -2.35 13.64
C GLU A 6 -0.77 -2.49 12.23
N VAL A 7 -2.02 -2.05 12.08
CA VAL A 7 -2.68 -2.07 10.78
C VAL A 7 -2.13 -0.93 9.94
N GLU A 8 -1.95 -1.17 8.66
CA GLU A 8 -1.66 -0.10 7.71
C GLU A 8 -2.90 0.32 6.93
N LYS A 9 -3.50 -0.58 6.15
CA LYS A 9 -4.67 -0.21 5.36
C LYS A 9 -5.48 -1.43 5.04
N ILE A 10 -6.72 -1.22 4.59
CA ILE A 10 -7.62 -2.31 4.19
C ILE A 10 -7.79 -2.30 2.67
N LEU A 11 -7.75 -3.51 2.05
CA LEU A 11 -7.75 -3.53 0.59
CA LEU A 11 -7.66 -3.65 0.60
C LEU A 11 -8.79 -4.42 -0.04
N ASP A 12 -9.63 -5.10 0.74
CA ASP A 12 -10.69 -5.88 0.13
C ASP A 12 -11.69 -6.23 1.22
N MET A 13 -12.84 -6.74 0.78
CA MET A 13 -13.92 -7.08 1.68
C MET A 13 -14.68 -8.25 1.04
N LYS A 14 -15.10 -9.20 1.87
CA LYS A 14 -15.96 -10.27 1.40
C LYS A 14 -16.88 -10.69 2.53
N THR A 15 -17.91 -11.48 2.18
CA THR A 15 -18.77 -12.11 3.17
C THR A 15 -18.62 -13.61 2.99
N GLU A 16 -18.36 -14.31 4.09
CA GLU A 16 -18.03 -15.72 4.05
CA GLU A 16 -18.01 -15.72 4.07
C GLU A 16 -18.86 -16.41 5.13
N GLY A 17 -19.83 -17.20 4.70
CA GLY A 17 -20.70 -17.84 5.68
C GLY A 17 -21.29 -16.83 6.64
N GLY A 18 -21.71 -15.70 6.10
CA GLY A 18 -22.29 -14.64 6.93
C GLY A 18 -21.29 -13.78 7.67
N LYS A 19 -20.00 -14.10 7.61
CA LYS A 19 -18.97 -13.30 8.27
C LYS A 19 -18.48 -12.22 7.32
N VAL A 20 -18.57 -10.95 7.72
CA VAL A 20 -18.03 -9.87 6.90
C VAL A 20 -16.57 -9.71 7.29
N LEU A 21 -15.68 -9.80 6.30
CA LEU A 21 -14.25 -9.83 6.50
C LEU A 21 -13.60 -8.78 5.63
N TYR A 22 -12.54 -8.18 6.16
CA TYR A 22 -11.80 -7.14 5.46
C TYR A 22 -10.35 -7.56 5.38
N LYS A 23 -9.74 -7.44 4.20
CA LYS A 23 -8.35 -7.85 4.01
C LYS A 23 -7.42 -6.74 4.46
N VAL A 24 -6.60 -7.08 5.44
CA VAL A 24 -5.73 -6.11 6.12
C VAL A 24 -4.32 -6.28 5.62
N ARG A 25 -3.70 -5.15 5.24
CA ARG A 25 -2.27 -5.05 5.00
C ARG A 25 -1.63 -4.55 6.28
N TRP A 26 -0.72 -5.33 6.85
CA TRP A 26 -0.12 -5.04 8.13
C TRP A 26 1.14 -4.21 7.90
N LYS A 27 1.29 -3.10 8.65
CA LYS A 27 2.44 -2.22 8.45
C LYS A 27 3.74 -2.99 8.61
N GLY A 28 4.62 -2.86 7.60
CA GLY A 28 5.91 -3.51 7.66
C GLY A 28 5.96 -4.91 7.09
N TYR A 29 4.82 -5.45 6.67
CA TYR A 29 4.73 -6.81 6.17
C TYR A 29 4.40 -6.80 4.68
N THR A 30 4.58 -7.97 4.06
CA THR A 30 4.29 -8.12 2.64
CA THR A 30 4.30 -8.19 2.64
C THR A 30 2.85 -8.56 2.41
N SER A 31 2.43 -8.52 1.16
CA SER A 31 1.06 -8.92 0.86
C SER A 31 0.88 -10.40 1.12
N ASP A 32 1.97 -11.18 1.16
CA ASP A 32 1.83 -12.57 1.55
C ASP A 32 1.38 -12.74 2.99
N ASP A 33 1.54 -11.71 3.82
CA ASP A 33 1.12 -11.72 5.21
C ASP A 33 -0.29 -11.10 5.41
N ASP A 34 -0.98 -10.66 4.35
CA ASP A 34 -2.33 -10.11 4.51
C ASP A 34 -3.23 -11.15 5.13
N THR A 35 -4.18 -10.72 5.96
CA THR A 35 -5.17 -11.62 6.55
C THR A 35 -6.55 -11.02 6.44
N TRP A 36 -7.53 -11.91 6.42
CA TRP A 36 -8.93 -11.48 6.43
C TRP A 36 -9.38 -11.33 7.88
N GLU A 37 -9.85 -10.12 8.22
CA GLU A 37 -10.21 -9.84 9.62
C GLU A 37 -11.68 -9.51 9.75
N PRO A 38 -12.34 -10.00 10.80
CA PRO A 38 -13.71 -9.53 11.08
C PRO A 38 -13.77 -8.07 11.49
N GLU A 39 -14.92 -7.42 11.22
CA GLU A 39 -15.04 -6.00 11.50
C GLU A 39 -14.75 -5.70 12.97
N ILE A 40 -14.99 -6.67 13.87
CA ILE A 40 -14.74 -6.46 15.30
C ILE A 40 -13.26 -6.22 15.59
N HIS A 41 -12.37 -6.82 14.82
CA HIS A 41 -10.95 -6.56 15.02
C HIS A 41 -10.55 -5.16 14.57
N LEU A 42 -11.42 -4.43 13.89
CA LEU A 42 -11.08 -3.11 13.40
C LEU A 42 -11.74 -2.01 14.19
N GLU A 43 -12.40 -2.36 15.30
CA GLU A 43 -13.21 -1.36 15.97
C GLU A 43 -12.36 -0.27 16.58
N ASP A 44 -11.06 -0.48 16.71
CA ASP A 44 -10.18 0.57 17.21
C ASP A 44 -9.50 1.35 16.11
N CYS A 45 -9.68 0.98 14.83
CA CYS A 45 -9.12 1.69 13.69
C CYS A 45 -10.18 1.94 12.63
N LYS A 46 -11.34 2.42 13.06
CA LYS A 46 -12.45 2.61 12.13
C LYS A 46 -12.08 3.50 10.96
N GLU A 47 -11.24 4.50 11.19
CA GLU A 47 -10.89 5.40 10.10
C GLU A 47 -10.21 4.69 8.96
N VAL A 48 -9.45 3.63 9.26
CA VAL A 48 -8.78 2.87 8.21
C VAL A 48 -9.80 2.12 7.37
N LEU A 49 -10.80 1.59 8.03
CA LEU A 49 -11.87 0.90 7.31
C LEU A 49 -12.67 1.89 6.45
N LEU A 50 -12.92 3.08 6.98
CA LEU A 50 -13.68 4.06 6.22
C LEU A 50 -12.94 4.50 4.96
N GLU A 51 -11.61 4.64 5.05
CA GLU A 51 -10.85 5.00 3.86
C GLU A 51 -11.03 3.95 2.76
N PHE A 52 -11.06 2.67 3.14
CA PHE A 52 -11.29 1.62 2.16
C PHE A 52 -12.71 1.68 1.63
N ARG A 53 -13.68 1.92 2.51
CA ARG A 53 -15.05 1.96 2.03
C ARG A 53 -15.29 3.16 1.15
N LYS A 54 -14.52 4.26 1.38
CA LYS A 54 -14.63 5.42 0.51
C LYS A 54 -14.15 5.05 -0.89
N LYS A 55 -13.02 4.34 -0.97
CA LYS A 55 -12.49 3.98 -2.28
C LYS A 55 -13.45 3.09 -3.07
N ILE A 56 -14.00 2.06 -2.43
CA ILE A 56 -14.85 1.16 -3.20
C ILE A 56 -16.15 1.83 -3.59
N ALA A 57 -16.67 2.76 -2.76
CA ALA A 57 -17.85 3.49 -3.19
C ALA A 57 -17.55 4.42 -4.35
N GLU A 58 -16.44 5.15 -4.28
CA GLU A 58 -16.00 5.98 -5.41
C GLU A 58 -15.77 5.13 -6.67
N ASN A 59 -15.13 3.97 -6.53
CA ASN A 59 -14.82 3.19 -7.74
C ASN A 59 -16.08 2.70 -8.45
N LYS A 60 -17.14 2.42 -7.73
CA LYS A 60 -18.40 2.00 -8.33
C LYS A 60 -19.05 3.13 -9.14
N ALA A 61 -18.83 4.38 -8.75
CA ALA A 61 -19.30 5.50 -9.57
N ASP B 3 14.21 -9.82 -2.97
CA ASP B 3 14.14 -10.13 -4.38
C ASP B 3 13.91 -8.88 -5.21
N VAL B 4 14.28 -8.93 -6.50
CA VAL B 4 14.00 -7.83 -7.41
C VAL B 4 12.83 -8.18 -8.32
N PHE B 5 12.04 -7.17 -8.67
CA PHE B 5 10.88 -7.38 -9.52
C PHE B 5 10.78 -6.22 -10.51
N GLU B 6 10.07 -6.48 -11.61
CA GLU B 6 9.91 -5.48 -12.66
C GLU B 6 8.92 -4.39 -12.23
N VAL B 7 9.31 -3.15 -12.45
CA VAL B 7 8.51 -1.98 -12.11
C VAL B 7 7.73 -1.55 -13.32
N GLU B 8 6.42 -1.33 -13.14
CA GLU B 8 5.64 -0.74 -14.22
C GLU B 8 5.69 0.80 -14.17
N LYS B 9 5.44 1.38 -13.00
CA LYS B 9 5.44 2.84 -12.89
C LYS B 9 5.56 3.23 -11.43
N ILE B 10 6.00 4.47 -11.19
CA ILE B 10 5.94 5.05 -9.86
C ILE B 10 4.72 5.96 -9.83
N LEU B 11 3.91 5.84 -8.77
CA LEU B 11 2.60 6.46 -8.66
C LEU B 11 2.59 7.72 -7.83
N ASP B 12 3.45 7.81 -6.82
CA ASP B 12 3.33 8.87 -5.82
C ASP B 12 4.62 8.87 -5.00
N MET B 13 4.76 9.86 -4.13
CA MET B 13 5.90 9.97 -3.23
C MET B 13 5.40 10.47 -1.89
N LYS B 14 6.11 10.13 -0.81
CA LYS B 14 5.80 10.64 0.52
C LYS B 14 7.08 10.65 1.36
N THR B 15 7.00 11.21 2.56
CA THR B 15 8.14 11.18 3.48
C THR B 15 7.75 10.43 4.76
N GLU B 16 8.62 9.53 5.22
CA GLU B 16 8.39 8.78 6.45
C GLU B 16 9.75 8.51 7.09
N GLY B 17 9.91 8.97 8.33
N GLY B 17 9.83 8.78 8.39
CA GLY B 17 11.18 8.79 9.03
CA GLY B 17 11.13 8.96 8.98
C GLY B 17 12.44 9.21 8.31
C GLY B 17 11.79 10.15 8.31
N GLY B 18 12.53 10.48 7.88
N GLY B 18 13.08 10.02 8.07
CA GLY B 18 13.76 11.01 7.30
CA GLY B 18 13.76 11.03 7.29
C GLY B 18 14.12 10.49 5.93
N LYS B 19 13.19 9.81 5.26
CA LYS B 19 13.48 9.24 3.96
C LYS B 19 12.28 9.42 3.05
N VAL B 20 12.55 9.82 1.80
CA VAL B 20 11.52 9.88 0.77
C VAL B 20 11.24 8.47 0.27
N LEU B 21 9.97 8.16 0.16
CA LEU B 21 9.46 6.88 -0.33
C LEU B 21 8.63 7.08 -1.59
N TYR B 22 8.72 6.13 -2.51
CA TYR B 22 8.03 6.16 -3.78
C TYR B 22 7.08 4.98 -3.88
N LYS B 23 5.84 5.26 -4.28
CA LYS B 23 4.85 4.20 -4.41
C LYS B 23 5.05 3.50 -5.75
N VAL B 24 5.37 2.21 -5.70
CA VAL B 24 5.68 1.41 -6.90
C VAL B 24 4.48 0.55 -7.29
N ARG B 25 4.06 0.65 -8.55
CA ARG B 25 3.19 -0.31 -9.23
C ARG B 25 4.10 -1.35 -9.88
N TRP B 26 4.00 -2.59 -9.43
CA TRP B 26 4.85 -3.68 -9.94
C TRP B 26 4.24 -4.30 -11.19
N LYS B 27 5.07 -4.50 -12.19
CA LYS B 27 4.56 -4.98 -13.46
C LYS B 27 3.89 -6.34 -13.29
N GLY B 28 2.67 -6.47 -13.84
CA GLY B 28 1.88 -7.70 -13.75
C GLY B 28 1.12 -7.84 -12.45
N TYR B 29 1.19 -6.83 -11.60
CA TYR B 29 0.48 -6.85 -10.33
C TYR B 29 -0.55 -5.73 -10.33
N THR B 30 -1.40 -5.76 -9.31
CA THR B 30 -2.40 -4.71 -9.12
C THR B 30 -2.05 -3.78 -7.98
N SER B 31 -2.92 -2.78 -7.77
CA SER B 31 -2.77 -1.87 -6.63
C SER B 31 -2.71 -2.59 -5.31
N ASP B 32 -3.25 -3.81 -5.24
CA ASP B 32 -3.16 -4.59 -4.02
C ASP B 32 -1.72 -4.85 -3.61
N ASP B 33 -0.79 -4.83 -4.56
CA ASP B 33 0.59 -5.15 -4.27
C ASP B 33 1.50 -3.94 -4.32
N ASP B 34 0.94 -2.75 -4.50
CA ASP B 34 1.79 -1.55 -4.47
C ASP B 34 2.53 -1.48 -3.15
N THR B 35 3.79 -1.03 -3.20
CA THR B 35 4.58 -0.84 -1.99
C THR B 35 5.26 0.52 -2.07
N TRP B 36 5.61 1.05 -0.90
CA TRP B 36 6.37 2.29 -0.81
C TRP B 36 7.85 1.95 -0.61
N GLU B 37 8.72 2.42 -1.53
CA GLU B 37 10.12 2.03 -1.55
C GLU B 37 11.04 3.22 -1.41
N PRO B 38 12.15 3.04 -0.74
CA PRO B 38 13.16 4.10 -0.67
C PRO B 38 13.99 4.15 -1.96
N GLU B 39 14.65 5.29 -2.18
CA GLU B 39 15.40 5.47 -3.42
C GLU B 39 16.45 4.38 -3.63
N ILE B 40 17.06 3.89 -2.53
CA ILE B 40 18.11 2.87 -2.66
C ILE B 40 17.55 1.61 -3.31
N HIS B 41 16.26 1.32 -3.12
CA HIS B 41 15.65 0.15 -3.72
C HIS B 41 15.38 0.35 -5.20
N LEU B 42 15.56 1.56 -5.73
CA LEU B 42 15.24 1.87 -7.12
C LEU B 42 16.48 2.02 -7.97
N GLU B 43 17.60 1.50 -7.48
CA GLU B 43 18.86 1.65 -8.17
C GLU B 43 18.83 1.02 -9.57
N ASP B 44 18.02 -0.01 -9.79
CA ASP B 44 17.94 -0.61 -11.13
C ASP B 44 16.73 -0.17 -11.93
N CYS B 45 16.05 0.90 -11.52
CA CYS B 45 15.04 1.53 -12.37
C CYS B 45 15.21 3.05 -12.26
N LYS B 46 16.46 3.52 -12.33
CA LYS B 46 16.69 4.97 -12.23
C LYS B 46 16.01 5.73 -13.35
N GLU B 47 15.88 5.10 -14.53
CA GLU B 47 15.17 5.76 -15.62
C GLU B 47 13.75 6.14 -15.20
N VAL B 48 13.02 5.16 -14.66
CA VAL B 48 11.65 5.39 -14.20
C VAL B 48 11.63 6.44 -13.08
N LEU B 49 12.56 6.37 -12.14
CA LEU B 49 12.55 7.30 -11.01
C LEU B 49 12.84 8.72 -11.46
N LEU B 50 13.91 8.91 -12.27
CA LEU B 50 14.25 10.27 -12.68
C LEU B 50 13.12 10.90 -13.48
N GLU B 51 12.45 10.08 -14.30
CA GLU B 51 11.30 10.56 -15.07
C GLU B 51 10.14 10.98 -14.18
N PHE B 52 9.87 10.18 -13.15
CA PHE B 52 8.79 10.53 -12.22
C PHE B 52 9.11 11.86 -11.54
N ARG B 53 10.35 12.03 -11.07
CA ARG B 53 10.70 13.21 -10.28
C ARG B 53 10.67 14.49 -11.11
N LYS B 54 11.18 14.44 -12.34
CA LYS B 54 11.08 15.60 -13.21
C LYS B 54 9.61 15.95 -13.47
N LYS B 55 8.78 14.93 -13.67
CA LYS B 55 7.41 15.19 -14.06
C LYS B 55 6.64 15.81 -12.91
N ILE B 56 6.84 15.28 -11.70
CA ILE B 56 6.21 15.92 -10.54
C ILE B 56 6.72 17.37 -10.38
N ALA B 57 8.02 17.59 -10.51
CA ALA B 57 8.54 18.96 -10.39
C ALA B 57 7.91 19.89 -11.42
N GLU B 58 7.67 19.38 -12.63
CA GLU B 58 7.05 20.16 -13.69
CA GLU B 58 7.04 20.17 -13.68
C GLU B 58 5.61 20.54 -13.33
N ASN B 59 4.83 19.55 -12.93
CA ASN B 59 3.44 19.80 -12.53
C ASN B 59 3.37 20.85 -11.45
N LYS B 60 4.25 20.73 -10.44
CA LYS B 60 4.27 21.60 -9.26
C LYS B 60 4.54 23.06 -9.64
N ALA B 61 5.31 23.25 -10.69
CA ALA B 61 5.75 24.58 -11.10
C ALA B 61 4.84 25.19 -12.16
N LYS B 62 3.80 24.47 -12.57
CA LYS B 62 2.90 24.87 -13.65
C LYS B 62 2.23 26.17 -13.28
C10 5R0 C 1 -4.49 2.92 12.80
C1 5R0 C 1 -3.87 -0.12 14.82
C01 5R0 C 1 -5.21 6.13 14.33
C02 5R0 C 1 -5.66 5.06 13.35
C03 5R0 C 1 -7.22 5.01 13.39
C04 5R0 C 1 -5.20 5.47 11.96
C05 5R0 C 1 -5.18 3.76 13.71
C06 5R0 C 1 -5.43 3.24 14.97
C07 5R0 C 1 -5.03 1.95 15.37
C08 5R0 C 1 -4.35 1.14 14.45
C09 5R0 C 1 -4.05 1.64 13.20
O12 5R0 C 1 -3.16 -0.74 14.05
N PHE C 2 -4.10 -0.50 16.07
CA PHE C 2 -3.60 -1.81 16.53
C PHE C 2 -4.75 -2.86 16.56
N ALA C 3 -4.49 -4.02 15.98
CA ALA C 3 -5.54 -5.00 15.88
C ALA C 3 -5.01 -6.41 16.12
N LEU C 4 -5.88 -7.27 16.63
CA LEU C 4 -5.60 -8.69 16.68
C LEU C 4 -5.51 -9.13 15.27
C ELY C 5 -4.88 -11.97 13.79
N ELY C 5 -4.50 -9.92 15.00
O ELY C 5 -4.46 -12.73 14.71
CA ELY C 5 -4.36 -10.51 13.69
CB ELY C 5 -2.91 -10.44 13.19
CD ELY C 5 -1.50 -11.01 11.12
CE ELY C 5 -0.21 -11.34 11.86
CG ELY C 5 -2.74 -11.31 11.97
NZ ELY C 5 0.98 -11.38 11.00
CH1 ELY C 5 2.16 -11.88 11.71
CH2 ELY C 5 1.28 -10.11 10.33
CT2 ELY C 5 1.41 -8.90 11.22
N 5R5 C 6 -5.79 -12.34 12.90
CA 5R5 C 6 -6.31 -13.67 12.90
C 5R5 C 6 -5.30 -14.70 12.40
CB 5R5 C 6 -7.62 -13.73 12.07
OG 5R5 C 6 -8.58 -12.91 12.72
O 5R5 C 6 -5.60 -15.98 12.77
OXT 5R5 C 6 -4.28 -14.49 11.72
C10 5R0 D 1 12.26 -0.42 -16.95
C1 5R0 D 1 12.86 -2.34 -13.82
C01 5R0 D 1 12.66 1.72 -18.63
C02 5R0 D 1 13.62 0.53 -18.64
C03 5R0 D 1 13.18 -0.40 -19.78
C04 5R0 D 1 15.02 1.05 -18.87
C05 5R0 D 1 13.52 -0.18 -17.43
C06 5R0 D 1 14.62 -0.69 -16.72
C07 5R0 D 1 14.43 -1.35 -15.48
C08 5R0 D 1 13.11 -1.58 -15.01
C09 5R0 D 1 12.04 -1.11 -15.77
O12 5R0 D 1 11.78 -2.91 -13.65
N PHE D 2 13.89 -2.60 -13.02
CA PHE D 2 13.72 -3.37 -11.77
C PHE D 2 13.98 -2.70 -10.46
N ALA D 3 13.43 -3.27 -9.40
CA ALA D 3 13.56 -2.68 -8.04
C ALA D 3 13.44 -3.76 -7.00
N LEU D 4 14.00 -3.48 -5.82
CA LEU D 4 13.84 -4.30 -4.62
C LEU D 4 12.55 -3.94 -3.93
C ELY D 5 10.61 -4.84 -1.26
N ELY D 5 11.83 -4.96 -3.47
O ELY D 5 11.21 -5.81 -0.74
CA ELY D 5 10.54 -4.74 -2.82
CB ELY D 5 9.47 -5.73 -3.32
CD ELY D 5 7.09 -6.45 -2.91
CD ELY D 5 6.95 -5.88 -3.59
CE ELY D 5 6.87 -6.94 -4.34
CE ELY D 5 7.04 -7.39 -3.82
CG ELY D 5 8.08 -5.30 -2.89
CG ELY D 5 8.11 -5.42 -2.73
NZ ELY D 5 5.67 -7.77 -4.53
NZ ELY D 5 5.86 -8.03 -4.42
CH1 ELY D 5 5.86 -9.16 -4.12
CH1 ELY D 5 6.10 -9.43 -4.61
CH2 ELY D 5 5.15 -7.67 -5.88
CH2 ELY D 5 5.47 -7.43 -5.68
CT1 ELY D 5 4.63 -9.81 -3.53
CT1 ELY D 5 4.81 -10.22 -4.70
CT2 ELY D 5 6.21 -7.92 -6.94
CT2 ELY D 5 6.62 -7.33 -6.67
N 5R5 D 6 10.02 -3.89 -0.57
CA 5R5 D 6 10.03 -3.87 0.87
C 5R5 D 6 8.89 -4.67 1.43
CB 5R5 D 6 9.94 -2.43 1.43
OG 5R5 D 6 11.04 -1.64 1.00
O 5R5 D 6 8.01 -5.26 0.79
C1 5R5 D 6 8.10 -5.70 3.45
OXT 5R5 D 6 8.89 -4.70 2.79
UNK UNX E . -17.06 -8.96 13.54
UNK UNX F . -7.51 1.78 4.48
UNK UNX G . -19.24 -6.50 10.09
UNK UNX H . -6.53 -14.90 6.14
UNK UNX I . 1.88 -1.04 3.02
UNK UNX J . 0.66 1.22 1.44
UNK UNX K . -11.91 3.29 15.85
UNK UNX L . 2.01 -2.52 0.63
UNK UNX M . 3.34 13.47 -0.63
UNK UNX N . 1.46 5.54 2.87
UNK UNX O . 4.27 12.96 2.59
UNK UNX P . 4.64 -0.27 1.45
UNK UNX Q . 8.54 7.56 -14.57
UNK UNX R . 6.70 5.97 -13.76
UNK UNX S . 9.75 -9.34 -12.54
UNK UNX T . 17.14 5.46 0.14
UNK UNX U . 3.19 12.30 -6.57
UNK UNX V . 13.82 14.67 1.80
UNK UNX W . 9.15 -0.31 -18.78
#